data_6AG2
#
_entry.id   6AG2
#
_cell.length_a   120.407
_cell.length_b   120.407
_cell.length_c   42.017
_cell.angle_alpha   90.00
_cell.angle_beta   90.00
_cell.angle_gamma   120.00
#
_symmetry.space_group_name_H-M   'H 3'
#
loop_
_entity.id
_entity.type
_entity.pdbx_description
1 polymer 'Urokinase-type plasminogen activator'
2 non-polymer 3,5-bis(azanyl)-N-carbamimidoyl-6-(2-methoxypyrimidin-5-yl)pyrazine-2-carboxamide
3 non-polymer 'SULFATE ION'
4 water water
#
_entity_poly.entity_id   1
_entity_poly.type   'polypeptide(L)'
_entity_poly.pdbx_seq_one_letter_code
;IIGGEFTTIENQPWFAAIYRRHRGGSVTYVCGGSLISPCWVISATHCFIDYPKKEDYIVYLGRSRLNSNTQGEMKFEVEN
LILHKDYSADTLAHHNDIALLKIRSKEGRCAQPSRTIQTIALPSMYNDPQFGTSCEITGFGKEQSTDYLYPEQLKMTVVK
LISHRECQQPHYYGSEVTTKMLCAADPQWKTDSCQGDSGGPLVCSLQGRMTLTGIVSWGRGCALKDKPGVYTRVSHFLPW
IRSHTKEENGLAL
;
_entity_poly.pdbx_strand_id   U
#
loop_
_chem_comp.id
_chem_comp.type
_chem_comp.name
_chem_comp.formula
9X9 non-polymer 3,5-bis(azanyl)-N-carbamimidoyl-6-(2-methoxypyrimidin-5-yl)pyrazine-2-carboxamide 'C11 H13 N9 O2'
SO4 non-polymer 'SULFATE ION' 'O4 S -2'
#
# COMPACT_ATOMS: atom_id res chain seq x y z
N ILE A 1 1.55 0.63 11.11
CA ILE A 1 0.12 0.45 11.53
C ILE A 1 0.02 0.80 13.00
N ILE A 2 -0.84 1.77 13.31
CA ILE A 2 -1.12 2.16 14.69
C ILE A 2 -2.22 1.26 15.18
N GLY A 3 -2.03 0.66 16.35
CA GLY A 3 -3.00 -0.27 16.88
C GLY A 3 -3.02 -1.54 16.04
N GLY A 4 -4.18 -2.16 15.91
CA GLY A 4 -4.29 -3.39 15.14
C GLY A 4 -3.57 -4.54 15.78
N GLU A 5 -3.16 -5.49 14.96
CA GLU A 5 -2.61 -6.74 15.46
C GLU A 5 -1.42 -7.19 14.61
N PHE A 6 -0.56 -8.01 15.20
CA PHE A 6 0.51 -8.62 14.43
C PHE A 6 -0.12 -9.73 13.60
N THR A 7 0.52 -10.06 12.50
CA THR A 7 0.02 -11.04 11.57
C THR A 7 1.22 -11.69 10.88
N THR A 8 0.95 -12.65 10.01
CA THR A 8 1.95 -13.26 9.18
C THR A 8 1.48 -13.19 7.74
N ILE A 9 2.40 -13.45 6.83
CA ILE A 9 2.11 -13.26 5.43
C ILE A 9 0.98 -14.16 4.94
N GLU A 10 0.80 -15.33 5.57
CA GLU A 10 -0.34 -16.21 5.26
C GLU A 10 -1.69 -15.50 5.22
N ASN A 11 -1.87 -14.50 6.08
CA ASN A 11 -3.16 -13.81 6.15
C ASN A 11 -3.34 -12.74 5.09
N GLN A 12 -2.24 -12.19 4.58
CA GLN A 12 -2.30 -11.15 3.55
C GLN A 12 -1.28 -11.50 2.46
N PRO A 13 -1.49 -12.63 1.75
CA PRO A 13 -0.44 -13.19 0.89
C PRO A 13 -0.13 -12.44 -0.41
N TRP A 14 -0.87 -11.38 -0.71
CA TRP A 14 -0.56 -10.50 -1.84
C TRP A 14 0.38 -9.37 -1.43
N PHE A 15 0.68 -9.25 -0.14
CA PHE A 15 1.51 -8.14 0.34
C PHE A 15 2.99 -8.25 -0.08
N ALA A 16 3.52 -7.14 -0.59
CA ALA A 16 4.86 -7.10 -1.15
C ALA A 16 5.68 -6.16 -0.32
N ALA A 17 6.87 -6.59 0.03
CA ALA A 17 7.80 -5.80 0.82
C ALA A 17 8.91 -5.27 -0.09
N ILE A 18 9.00 -3.94 -0.19
CA ILE A 18 9.89 -3.31 -1.17
C ILE A 18 11.02 -2.63 -0.44
N TYR A 19 12.25 -2.96 -0.84
CA TYR A 19 13.48 -2.44 -0.24
C TYR A 19 14.37 -1.75 -1.27
N ARG A 20 15.20 -0.82 -0.82
CA ARG A 20 16.22 -0.19 -1.69
C ARG A 20 17.67 -0.50 -1.25
N ARG A 21 18.53 -0.77 -2.24
CA ARG A 21 19.97 -0.85 -2.05
C ARG A 21 20.55 0.56 -2.01
N HIS A 22 21.36 0.86 -1.00
CA HIS A 22 22.04 2.17 -0.91
C HIS A 22 23.42 2.14 -1.57
N ARG A 23 23.94 3.34 -1.82
CA ARG A 23 25.34 3.52 -2.21
C ARG A 23 26.22 2.96 -1.09
N GLY A 24 26.84 1.81 -1.33
CA GLY A 24 27.63 1.14 -0.29
C GLY A 24 27.17 -0.28 0.00
N GLY A 25 25.88 -0.55 -0.23
CA GLY A 25 25.36 -1.91 -0.13
C GLY A 25 24.43 -2.21 1.05
N SER A 26 24.15 -1.21 1.88
CA SER A 26 23.17 -1.37 2.96
C SER A 26 21.76 -1.34 2.34
N VAL A 27 20.87 -2.19 2.85
CA VAL A 27 19.51 -2.36 2.31
C VAL A 27 18.46 -1.95 3.34
N THR A 28 17.56 -1.06 2.95
CA THR A 28 16.56 -0.51 3.88
C THR A 28 15.18 -0.62 3.30
N TYR A 29 14.18 -0.72 4.19
CA TYR A 29 12.80 -0.82 3.76
C TYR A 29 12.32 0.50 3.19
N VAL A 30 11.50 0.43 2.15
CA VAL A 30 10.97 1.62 1.51
C VAL A 30 9.46 1.74 1.75
N CYS A 31 8.72 0.76 1.25
CA CYS A 31 7.27 0.85 1.16
C CYS A 31 6.65 -0.53 0.98
N GLY A 32 5.35 -0.62 1.24
CA GLY A 32 4.57 -1.79 0.89
C GLY A 32 4.10 -1.74 -0.55
N GLY A 33 3.61 -2.88 -1.02
CA GLY A 33 2.89 -2.98 -2.29
C GLY A 33 1.99 -4.22 -2.29
N SER A 34 1.35 -4.47 -3.42
CA SER A 34 0.44 -5.59 -3.57
C SER A 34 0.60 -6.33 -4.91
N LEU A 35 0.58 -7.65 -4.87
CA LEU A 35 0.68 -8.47 -6.06
C LEU A 35 -0.66 -8.54 -6.76
N ILE A 36 -0.72 -7.97 -7.97
CA ILE A 36 -1.96 -7.96 -8.74
C ILE A 36 -1.94 -8.94 -9.92
N SER A 37 -0.77 -9.44 -10.27
CA SER A 37 -0.64 -10.57 -11.18
C SER A 37 0.76 -11.15 -10.99
N PRO A 38 1.03 -12.32 -11.60
CA PRO A 38 2.34 -12.91 -11.35
C PRO A 38 3.52 -11.95 -11.56
N CYS A 39 3.47 -11.08 -12.56
CA CYS A 39 4.62 -10.23 -12.89
C CYS A 39 4.51 -8.79 -12.36
N TRP A 40 3.41 -8.43 -11.72
CA TRP A 40 3.12 -7.02 -11.43
C TRP A 40 2.78 -6.77 -9.97
N VAL A 41 3.51 -5.83 -9.36
CA VAL A 41 3.23 -5.29 -8.03
C VAL A 41 2.81 -3.82 -8.14
N ILE A 42 1.76 -3.46 -7.42
CA ILE A 42 1.23 -2.12 -7.44
C ILE A 42 1.57 -1.47 -6.11
N SER A 43 1.93 -0.20 -6.17
CA SER A 43 2.34 0.52 -4.98
C SER A 43 2.06 2.00 -5.21
N ALA A 44 2.73 2.87 -4.46
CA ALA A 44 2.56 4.32 -4.51
C ALA A 44 3.80 5.04 -5.14
N THR A 45 3.55 6.01 -6.02
CA THR A 45 4.65 6.72 -6.73
C THR A 45 5.53 7.49 -5.71
N HIS A 46 4.95 8.04 -4.65
CA HIS A 46 5.76 8.91 -3.78
C HIS A 46 6.90 8.14 -3.08
N CYS A 47 6.76 6.81 -3.02
CA CYS A 47 7.78 5.96 -2.41
C CYS A 47 9.13 5.94 -3.14
N PHE A 48 9.09 6.16 -4.45
CA PHE A 48 10.24 5.99 -5.33
C PHE A 48 10.76 7.30 -5.91
N ILE A 49 10.04 8.39 -5.70
CA ILE A 49 10.25 9.59 -6.48
C ILE A 49 11.65 10.18 -6.25
N ASP A 50 12.19 10.06 -5.04
CA ASP A 50 13.56 10.51 -4.76
C ASP A 50 14.66 9.62 -5.36
N TYR A 51 14.28 8.41 -5.78
CA TYR A 51 15.23 7.44 -6.32
C TYR A 51 14.59 6.61 -7.45
N PRO A 52 14.39 7.22 -8.63
CA PRO A 52 13.59 6.61 -9.70
C PRO A 52 14.21 5.41 -10.40
N LYS A 53 15.43 5.04 -10.05
CA LYS A 53 16.17 4.05 -10.80
C LYS A 53 15.82 2.62 -10.33
N LYS A 54 15.27 1.85 -11.26
CA LYS A 54 14.73 0.52 -10.96
C LYS A 54 15.74 -0.51 -10.47
N GLU A 55 17.02 -0.28 -10.79
CA GLU A 55 18.10 -1.18 -10.35
C GLU A 55 18.37 -1.07 -8.85
N ASP A 56 17.91 0.00 -8.23
CA ASP A 56 18.10 0.21 -6.79
C ASP A 56 17.13 -0.59 -5.89
N TYR A 57 16.20 -1.36 -6.46
CA TYR A 57 15.12 -1.94 -5.66
C TYR A 57 15.08 -3.47 -5.64
N ILE A 58 14.60 -3.98 -4.51
CA ILE A 58 14.43 -5.41 -4.28
C ILE A 58 13.01 -5.60 -3.76
N VAL A 59 12.28 -6.56 -4.31
CA VAL A 59 10.93 -6.86 -3.83
C VAL A 59 10.87 -8.27 -3.28
N TYR A 60 10.30 -8.42 -2.09
CA TYR A 60 10.01 -9.73 -1.52
C TYR A 60 8.51 -9.99 -1.55
N LEU A 61 8.18 -11.22 -1.89
CA LEU A 61 6.86 -11.77 -1.68
C LEU A 61 6.98 -12.88 -0.63
N GLY A 62 5.90 -13.15 0.09
CA GLY A 62 5.92 -14.23 1.09
C GLY A 62 6.72 -13.90 2.33
N ARG A 63 6.89 -12.61 2.61
CA ARG A 63 7.73 -12.14 3.72
C ARG A 63 6.93 -11.53 4.88
N SER A 64 7.13 -12.08 6.08
CA SER A 64 6.39 -11.71 7.30
C SER A 64 7.18 -10.83 8.25
N ARG A 65 8.50 -10.73 8.05
CA ARG A 65 9.36 -9.97 8.96
C ARG A 65 10.26 -9.03 8.20
N LEU A 66 10.56 -7.89 8.81
CA LEU A 66 11.20 -6.77 8.16
C LEU A 66 12.67 -7.09 7.83
N ASN A 67 13.39 -7.63 8.80
CA ASN A 67 14.83 -7.87 8.63
C ASN A 67 15.26 -9.31 8.83
N SER A 68 14.36 -10.25 8.58
CA SER A 68 14.71 -11.66 8.57
C SER A 68 14.00 -12.35 7.42
N ASN A 69 14.65 -13.36 6.88
CA ASN A 69 14.14 -14.05 5.71
C ASN A 69 13.10 -15.05 6.16
N THR A 70 11.84 -14.76 5.84
CA THR A 70 10.73 -15.61 6.21
C THR A 70 10.83 -16.88 5.39
N GLN A 71 10.50 -18.02 6.00
CA GLN A 71 10.52 -19.28 5.29
C GLN A 71 9.52 -19.27 4.15
N GLY A 72 9.98 -19.58 2.94
CA GLY A 72 9.12 -19.62 1.76
C GLY A 72 9.08 -18.35 0.89
N GLU A 73 9.80 -17.31 1.30
CA GLU A 73 9.76 -16.03 0.57
C GLU A 73 10.38 -16.13 -0.82
N MET A 74 9.96 -15.24 -1.72
CA MET A 74 10.60 -15.08 -3.02
C MET A 74 11.15 -13.66 -3.16
N LYS A 75 12.27 -13.54 -3.86
CA LYS A 75 13.03 -12.30 -4.03
C LYS A 75 13.05 -11.94 -5.52
N PHE A 76 12.83 -10.67 -5.83
CA PHE A 76 12.74 -10.21 -7.21
C PHE A 76 13.51 -8.93 -7.44
N GLU A 77 14.02 -8.78 -8.66
CA GLU A 77 14.54 -7.50 -9.09
C GLU A 77 13.39 -6.79 -9.79
N VAL A 78 13.54 -5.49 -9.95
CA VAL A 78 12.54 -4.69 -10.62
C VAL A 78 13.01 -4.40 -12.03
N GLU A 79 12.26 -4.91 -12.99
CA GLU A 79 12.59 -4.86 -14.42
C GLU A 79 11.92 -3.66 -15.13
N ASN A 80 10.95 -3.05 -14.46
CA ASN A 80 10.18 -1.97 -15.03
C ASN A 80 9.55 -1.25 -13.85
N LEU A 81 9.95 -0.01 -13.60
CA LEU A 81 9.40 0.78 -12.50
C LEU A 81 8.62 1.91 -13.13
N ILE A 82 7.29 1.82 -13.05
CA ILE A 82 6.41 2.73 -13.77
C ILE A 82 5.79 3.65 -12.75
N LEU A 83 6.24 4.90 -12.74
CA LEU A 83 5.65 5.93 -11.91
C LEU A 83 4.57 6.65 -12.72
N HIS A 84 3.55 7.18 -12.06
CA HIS A 84 2.43 7.77 -12.76
C HIS A 84 2.83 9.15 -13.24
N LYS A 85 2.72 9.39 -14.54
CA LYS A 85 3.27 10.64 -15.11
C LYS A 85 2.53 11.90 -14.66
N ASP A 86 1.36 11.72 -14.09
CA ASP A 86 0.58 12.84 -13.56
C ASP A 86 0.69 12.99 -12.05
N TYR A 87 1.66 12.33 -11.44
CA TYR A 87 1.88 12.45 -10.02
C TYR A 87 2.20 13.89 -9.63
N SER A 88 1.74 14.30 -8.45
CA SER A 88 2.17 15.57 -7.89
C SER A 88 2.03 15.52 -6.38
N ALA A 89 2.85 16.33 -5.72
CA ALA A 89 2.80 16.41 -4.27
C ALA A 89 2.60 17.85 -3.85
N ASP A 90 1.60 18.08 -3.00
CA ASP A 90 1.42 19.36 -2.32
C ASP A 90 2.08 19.25 -0.95
N THR A 91 1.81 20.19 -0.06
CA THR A 91 2.37 20.18 1.29
C THR A 91 2.09 18.86 2.03
N LEU A 92 0.86 18.37 1.86
CA LEU A 92 0.41 17.13 2.50
C LEU A 92 -0.02 16.08 1.47
N ALA A 93 -0.99 16.46 0.64
CA ALA A 93 -1.66 15.54 -0.25
C ALA A 93 -0.79 15.16 -1.44
N HIS A 94 -0.93 13.91 -1.87
CA HIS A 94 -0.26 13.39 -3.04
C HIS A 94 -1.38 13.09 -4.03
N HIS A 95 -1.14 13.37 -5.30
CA HIS A 95 -2.10 13.11 -6.36
C HIS A 95 -1.56 12.05 -7.30
N ASN A 96 -2.47 11.21 -7.82
CA ASN A 96 -2.09 10.11 -8.70
C ASN A 96 -0.97 9.30 -8.12
N ASP A 97 -1.16 8.92 -6.86
CA ASP A 97 -0.08 8.33 -6.09
C ASP A 97 -0.16 6.81 -6.24
N ILE A 98 0.30 6.35 -7.40
CA ILE A 98 0.18 4.93 -7.80
C ILE A 98 1.39 4.60 -8.66
N ALA A 99 1.94 3.40 -8.51
CA ALA A 99 3.17 3.00 -9.20
C ALA A 99 3.05 1.52 -9.50
N LEU A 100 3.70 1.08 -10.58
CA LEU A 100 3.70 -0.33 -10.95
C LEU A 100 5.13 -0.82 -11.04
N LEU A 101 5.36 -1.99 -10.47
CA LEU A 101 6.68 -2.59 -10.49
C LEU A 101 6.56 -3.94 -11.18
N LYS A 102 7.23 -4.09 -12.33
CA LYS A 102 7.33 -5.40 -12.97
C LYS A 102 8.48 -6.16 -12.32
N ILE A 103 8.17 -7.34 -11.80
CA ILE A 103 9.13 -8.12 -11.04
C ILE A 103 9.61 -9.34 -11.84
N ARG A 104 10.89 -9.65 -11.70
CA ARG A 104 11.48 -10.83 -12.34
C ARG A 104 12.63 -11.30 -11.47
N SER A 105 12.69 -12.59 -11.23
CA SER A 105 13.74 -13.15 -10.40
C SER A 105 15.05 -13.22 -11.17
N LYS A 106 16.15 -13.42 -10.46
CA LYS A 106 17.45 -13.71 -11.08
C LYS A 106 17.43 -14.95 -12.00
N GLU A 107 16.42 -15.80 -11.84
CA GLU A 107 16.19 -16.93 -12.75
C GLU A 107 15.25 -16.53 -13.89
N GLY A 108 14.88 -15.25 -13.94
CA GLY A 108 14.03 -14.72 -15.01
C GLY A 108 12.58 -15.14 -14.95
N ARG A 109 12.03 -15.31 -13.74
CA ARG A 109 10.63 -15.74 -13.61
C ARG A 109 9.79 -14.81 -12.74
N CYS A 110 8.47 -14.89 -12.94
CA CYS A 110 7.48 -14.06 -12.25
C CYS A 110 7.13 -14.73 -10.91
N ALA A 111 6.11 -14.24 -10.22
CA ALA A 111 5.69 -14.85 -8.95
C ALA A 111 5.08 -16.24 -9.17
N GLN A 112 5.49 -17.21 -8.33
CA GLN A 112 4.83 -18.52 -8.23
C GLN A 112 3.88 -18.58 -7.03
N PRO A 113 2.56 -18.71 -7.26
CA PRO A 113 1.63 -18.74 -6.12
C PRO A 113 1.87 -19.90 -5.12
N SER A 114 1.59 -19.65 -3.84
CA SER A 114 1.81 -20.64 -2.79
C SER A 114 0.89 -20.30 -1.64
N ARG A 115 1.08 -20.95 -0.49
CA ARG A 115 0.31 -20.62 0.70
C ARG A 115 0.65 -19.22 1.23
N THR A 116 1.83 -18.71 0.90
CA THR A 116 2.30 -17.41 1.36
C THR A 116 2.36 -16.34 0.27
N ILE A 117 2.00 -16.70 -0.97
CA ILE A 117 2.10 -15.79 -2.12
C ILE A 117 0.87 -15.95 -3.01
N GLN A 118 0.03 -14.92 -3.06
CA GLN A 118 -1.17 -14.93 -3.90
C GLN A 118 -1.41 -13.54 -4.48
N THR A 119 -2.12 -13.47 -5.60
CA THR A 119 -2.56 -12.18 -6.13
C THR A 119 -3.85 -11.70 -5.46
N ILE A 120 -4.09 -10.40 -5.55
CA ILE A 120 -5.32 -9.77 -5.07
C ILE A 120 -6.04 -9.23 -6.31
N ALA A 121 -7.35 -9.42 -6.36
CA ALA A 121 -8.18 -8.94 -7.47
C ALA A 121 -8.35 -7.42 -7.43
N LEU A 122 -8.42 -6.82 -8.62
CA LEU A 122 -8.73 -5.41 -8.75
C LEU A 122 -10.23 -5.23 -8.72
N PRO A 123 -10.68 -4.07 -8.29
CA PRO A 123 -12.11 -3.83 -8.39
C PRO A 123 -12.52 -3.67 -9.85
N SER A 124 -13.82 -3.73 -10.09
CA SER A 124 -14.34 -3.34 -11.38
C SER A 124 -14.51 -1.82 -11.36
N MET A 125 -14.64 -1.26 -12.56
CA MET A 125 -14.67 0.18 -12.78
C MET A 125 -15.59 0.97 -11.86
N TYR A 126 -15.03 1.95 -11.16
CA TYR A 126 -15.79 2.88 -10.32
C TYR A 126 -16.67 2.16 -9.28
N ASN A 127 -16.33 0.90 -8.98
CA ASN A 127 -17.11 0.06 -8.09
C ASN A 127 -16.41 -0.03 -6.73
N ASP A 128 -16.88 0.78 -5.77
CA ASP A 128 -16.38 0.77 -4.40
C ASP A 128 -17.46 0.30 -3.45
N PRO A 129 -17.08 -0.27 -2.31
CA PRO A 129 -18.10 -0.57 -1.31
C PRO A 129 -18.67 0.70 -0.68
N GLN A 130 -19.83 0.61 -0.05
CA GLN A 130 -20.45 1.80 0.56
C GLN A 130 -19.67 2.27 1.78
N PHE A 131 -19.76 3.57 2.07
CA PHE A 131 -19.14 4.11 3.27
C PHE A 131 -19.60 3.31 4.49
N GLY A 132 -18.70 3.20 5.46
CA GLY A 132 -18.93 2.40 6.65
C GLY A 132 -18.57 0.93 6.49
N THR A 133 -18.24 0.50 5.28
CA THR A 133 -17.73 -0.85 5.06
C THR A 133 -16.36 -0.97 5.72
N SER A 134 -16.13 -2.12 6.38
CA SER A 134 -14.85 -2.38 7.03
C SER A 134 -13.85 -2.95 6.03
N CYS A 135 -12.64 -2.40 6.02
CA CYS A 135 -11.59 -2.90 5.16
C CYS A 135 -10.34 -3.07 5.99
N GLU A 136 -9.43 -3.88 5.48
CA GLU A 136 -8.18 -4.15 6.18
C GLU A 136 -6.98 -3.51 5.47
N ILE A 137 -6.05 -3.01 6.28
CA ILE A 137 -4.77 -2.48 5.83
C ILE A 137 -3.63 -3.24 6.48
N THR A 138 -2.53 -3.40 5.76
CA THR A 138 -1.43 -4.21 6.18
C THR A 138 -0.12 -3.49 5.94
N GLY A 139 0.85 -3.67 6.84
CA GLY A 139 2.17 -3.10 6.57
C GLY A 139 3.17 -3.14 7.72
N PHE A 140 4.38 -2.67 7.42
CA PHE A 140 5.51 -2.65 8.35
C PHE A 140 5.76 -1.24 8.92
N GLY A 141 4.78 -0.36 8.77
CA GLY A 141 4.96 1.03 9.17
C GLY A 141 4.99 1.21 10.68
N LYS A 142 5.26 2.42 11.12
CA LYS A 142 5.36 2.72 12.54
C LYS A 142 4.12 2.32 13.33
N GLU A 143 4.36 1.80 14.54
CA GLU A 143 3.32 1.46 15.50
C GLU A 143 2.88 2.64 16.36
N GLN A 144 3.75 3.63 16.46
CA GLN A 144 3.40 4.91 17.08
C GLN A 144 4.06 6.02 16.28
N SER A 145 3.38 7.16 16.20
CA SER A 145 3.91 8.28 15.41
C SER A 145 5.31 8.68 15.83
N THR A 146 5.58 8.59 17.13
CA THR A 146 6.87 8.99 17.72
C THR A 146 7.98 7.92 17.66
N ASP A 147 7.67 6.73 17.12
CA ASP A 147 8.68 5.70 17.01
C ASP A 147 9.74 6.08 15.98
N TYR A 148 10.96 5.62 16.21
CA TYR A 148 12.05 5.76 15.27
C TYR A 148 12.11 4.47 14.44
N LEU A 149 11.96 3.34 15.11
CA LEU A 149 12.02 2.04 14.48
C LEU A 149 10.69 1.67 13.85
N TYR A 150 10.75 0.81 12.85
CA TYR A 150 9.58 0.11 12.34
C TYR A 150 9.49 -1.23 13.05
N PRO A 151 8.26 -1.78 13.17
CA PRO A 151 8.12 -3.09 13.76
C PRO A 151 8.77 -4.15 12.87
N GLU A 152 9.34 -5.16 13.52
CA GLU A 152 9.98 -6.23 12.82
C GLU A 152 8.94 -7.23 12.30
N GLN A 153 7.77 -7.29 12.93
CA GLN A 153 6.73 -8.21 12.51
C GLN A 153 5.62 -7.47 11.76
N LEU A 154 5.13 -8.10 10.69
CA LEU A 154 4.04 -7.54 9.90
C LEU A 154 2.80 -7.29 10.73
N LYS A 155 2.06 -6.23 10.39
CA LYS A 155 0.86 -5.87 11.11
C LYS A 155 -0.31 -5.63 10.19
N MET A 156 -1.51 -5.75 10.74
CA MET A 156 -2.69 -5.38 10.03
C MET A 156 -3.76 -4.84 10.98
N THR A 157 -4.70 -4.11 10.41
CA THR A 157 -5.81 -3.58 11.17
C THR A 157 -6.98 -3.36 10.26
N VAL A 158 -8.07 -2.87 10.85
CA VAL A 158 -9.32 -2.64 10.15
C VAL A 158 -9.71 -1.21 10.30
N VAL A 159 -10.08 -0.60 9.17
CA VAL A 159 -10.62 0.75 9.14
C VAL A 159 -11.91 0.75 8.34
N LYS A 160 -12.72 1.79 8.55
CA LYS A 160 -13.97 1.94 7.81
C LYS A 160 -13.90 3.06 6.80
N LEU A 161 -14.50 2.83 5.64
CA LEU A 161 -14.59 3.83 4.58
C LEU A 161 -15.41 5.03 5.01
N ILE A 162 -14.89 6.21 4.69
CA ILE A 162 -15.53 7.48 5.00
C ILE A 162 -15.95 8.14 3.69
N SER A 163 -17.08 8.83 3.70
CA SER A 163 -17.61 9.44 2.48
C SER A 163 -16.75 10.63 2.06
N HIS A 164 -16.73 10.90 0.77
CA HIS A 164 -16.07 12.10 0.26
C HIS A 164 -16.66 13.35 0.92
N ARG A 165 -17.98 13.36 1.10
CA ARG A 165 -18.67 14.43 1.80
C ARG A 165 -18.09 14.65 3.20
N GLU A 166 -18.13 13.60 4.03
CA GLU A 166 -17.61 13.74 5.39
C GLU A 166 -16.13 14.11 5.35
N CYS A 167 -15.35 13.45 4.49
CA CYS A 167 -13.91 13.73 4.42
C CYS A 167 -13.59 15.15 3.90
N GLN A 168 -14.54 15.74 3.17
CA GLN A 168 -14.46 17.14 2.72
C GLN A 168 -14.72 18.19 3.82
N GLN A 169 -15.34 17.80 4.92
CA GLN A 169 -15.63 18.74 6.02
C GLN A 169 -14.39 19.53 6.45
N PRO A 170 -14.58 20.72 7.04
CA PRO A 170 -13.46 21.63 7.34
C PRO A 170 -12.43 21.07 8.34
N HIS A 171 -12.90 20.43 9.39
CA HIS A 171 -11.99 19.86 10.40
C HIS A 171 -11.41 18.50 9.98
N TYR A 172 -11.84 17.99 8.83
CA TYR A 172 -11.14 16.88 8.18
C TYR A 172 -10.09 17.45 7.24
N TYR A 173 -10.23 17.23 5.92
CA TYR A 173 -9.20 17.65 4.97
C TYR A 173 -9.62 18.77 4.01
N GLY A 174 -10.87 19.22 4.08
CA GLY A 174 -11.34 20.28 3.18
C GLY A 174 -11.17 19.84 1.74
N SER A 175 -10.54 20.70 0.94
CA SER A 175 -10.30 20.41 -0.48
C SER A 175 -9.02 19.62 -0.78
N GLU A 176 -8.25 19.24 0.25
CA GLU A 176 -7.04 18.41 0.07
C GLU A 176 -7.38 17.04 -0.52
N VAL A 177 -8.58 16.56 -0.25
CA VAL A 177 -8.99 15.25 -0.72
C VAL A 177 -9.88 15.40 -1.95
N THR A 178 -9.64 14.56 -2.95
CA THR A 178 -10.33 14.63 -4.24
C THR A 178 -11.10 13.33 -4.46
N THR A 179 -11.85 13.27 -5.56
CA THR A 179 -12.66 12.08 -5.88
C THR A 179 -11.84 10.84 -6.30
N LYS A 180 -10.56 11.02 -6.61
CA LYS A 180 -9.67 9.89 -6.89
C LYS A 180 -8.95 9.40 -5.61
N MET A 181 -9.34 9.98 -4.49
CA MET A 181 -8.89 9.54 -3.17
C MET A 181 -10.06 8.98 -2.39
N LEU A 182 -9.75 8.06 -1.47
CA LEU A 182 -10.70 7.48 -0.55
C LEU A 182 -10.18 7.69 0.85
N CYS A 183 -11.08 7.98 1.79
CA CYS A 183 -10.73 8.15 3.19
C CYS A 183 -11.16 6.94 3.97
N ALA A 184 -10.33 6.50 4.91
CA ALA A 184 -10.75 5.43 5.83
C ALA A 184 -10.17 5.67 7.20
N ALA A 185 -10.92 5.27 8.22
CA ALA A 185 -10.53 5.55 9.59
C ALA A 185 -11.32 4.72 10.59
N ASP A 186 -10.82 4.73 11.82
CA ASP A 186 -11.50 4.09 12.93
C ASP A 186 -12.46 5.12 13.56
N PRO A 187 -13.66 4.66 13.99
CA PRO A 187 -14.63 5.55 14.63
C PRO A 187 -14.06 6.23 15.86
N GLN A 188 -13.23 5.50 16.60
CA GLN A 188 -12.51 6.05 17.75
C GLN A 188 -11.12 6.63 17.44
N TRP A 189 -10.75 6.63 16.15
CA TRP A 189 -9.44 7.11 15.70
C TRP A 189 -8.26 6.40 16.36
N LYS A 190 -8.50 5.17 16.81
CA LYS A 190 -7.55 4.42 17.65
C LYS A 190 -6.57 3.55 16.85
N THR A 191 -6.81 3.40 15.54
CA THR A 191 -5.98 2.52 14.67
C THR A 191 -5.96 3.15 13.27
N ASP A 192 -4.83 3.03 12.59
CA ASP A 192 -4.61 3.76 11.35
C ASP A 192 -3.35 3.22 10.68
N SER A 193 -3.18 3.61 9.43
CA SER A 193 -1.88 3.54 8.76
C SER A 193 -0.99 4.69 9.23
N CYS A 194 0.31 4.55 8.96
CA CYS A 194 1.31 5.56 9.33
C CYS A 194 2.51 5.49 8.37
N GLN A 195 3.47 6.37 8.63
CA GLN A 195 4.77 6.33 7.94
C GLN A 195 5.35 4.93 7.84
N GLY A 196 5.70 4.51 6.63
CA GLY A 196 6.19 3.17 6.40
C GLY A 196 5.14 2.22 5.85
N ASP A 197 3.86 2.59 5.98
CA ASP A 197 2.74 1.81 5.43
C ASP A 197 2.37 2.16 3.96
N SER A 198 2.91 3.29 3.49
CA SER A 198 2.65 3.80 2.14
C SER A 198 2.87 2.70 1.09
N GLY A 199 1.99 2.69 0.09
CA GLY A 199 2.08 1.74 -1.01
C GLY A 199 1.36 0.44 -0.74
N GLY A 200 1.01 0.21 0.52
CA GLY A 200 0.41 -1.05 0.91
C GLY A 200 -1.09 -1.07 0.64
N PRO A 201 -1.71 -2.24 0.78
CA PRO A 201 -3.11 -2.48 0.42
C PRO A 201 -4.19 -2.05 1.45
N LEU A 202 -5.27 -1.48 0.92
CA LEU A 202 -6.53 -1.38 1.61
C LEU A 202 -7.44 -2.36 0.90
N VAL A 203 -7.84 -3.44 1.59
CA VAL A 203 -8.55 -4.54 0.95
C VAL A 203 -9.97 -4.62 1.51
N CYS A 204 -10.96 -4.67 0.63
CA CYS A 204 -12.35 -4.80 1.06
C CYS A 204 -13.04 -6.00 0.41
N SER A 205 -14.08 -6.51 1.06
CA SER A 205 -14.85 -7.58 0.49
C SER A 205 -15.98 -6.93 -0.33
N LEU A 206 -16.04 -7.26 -1.61
CA LEU A 206 -17.02 -6.70 -2.53
C LEU A 206 -17.57 -7.85 -3.37
N GLN A 207 -18.89 -8.01 -3.37
CA GLN A 207 -19.55 -9.17 -3.99
C GLN A 207 -18.99 -10.49 -3.43
N GLY A 208 -18.67 -10.47 -2.14
CA GLY A 208 -18.05 -11.62 -1.49
C GLY A 208 -16.68 -11.98 -2.06
N ARG A 209 -15.94 -10.98 -2.54
CA ARG A 209 -14.59 -11.18 -3.06
C ARG A 209 -13.64 -10.11 -2.52
N MET A 210 -12.47 -10.54 -2.08
CA MET A 210 -11.45 -9.62 -1.54
C MET A 210 -10.86 -8.84 -2.71
N THR A 211 -10.82 -7.52 -2.55
CA THR A 211 -10.58 -6.61 -3.66
C THR A 211 -9.65 -5.49 -3.21
N LEU A 212 -8.63 -5.17 -4.03
CA LEU A 212 -7.73 -4.05 -3.74
C LEU A 212 -8.40 -2.71 -3.98
N THR A 213 -8.99 -2.17 -2.94
CA THR A 213 -9.81 -0.98 -3.06
C THR A 213 -8.95 0.29 -2.97
N GLY A 214 -7.87 0.21 -2.20
CA GLY A 214 -7.02 1.38 -2.01
C GLY A 214 -5.55 1.05 -1.84
N ILE A 215 -4.73 2.10 -1.98
CA ILE A 215 -3.31 2.03 -1.75
C ILE A 215 -2.97 3.13 -0.75
N VAL A 216 -2.24 2.78 0.31
CA VAL A 216 -1.92 3.76 1.37
C VAL A 216 -1.14 4.90 0.75
N SER A 217 -1.64 6.12 0.95
CA SER A 217 -1.02 7.31 0.31
C SER A 217 -0.50 8.38 1.31
N TRP A 218 -1.39 8.93 2.14
CA TRP A 218 -1.01 10.01 3.05
C TRP A 218 -2.03 10.21 4.12
N GLY A 219 -1.66 11.04 5.08
CA GLY A 219 -2.58 11.51 6.10
C GLY A 219 -1.90 12.60 6.91
N ARG A 220 -2.66 13.36 7.66
CA ARG A 220 -2.09 14.37 8.54
C ARG A 220 -1.91 13.65 9.90
N GLY A 221 -0.67 13.31 10.23
CA GLY A 221 -0.33 12.53 11.39
C GLY A 221 -0.79 11.08 11.22
N CYS A 222 -0.92 10.35 12.32
CA CYS A 222 -1.47 9.01 12.28
C CYS A 222 -2.41 8.83 13.47
N ALA A 223 -3.58 8.25 13.26
CA ALA A 223 -4.55 7.99 14.32
C ALA A 223 -4.91 9.27 15.07
N LEU A 224 -5.06 10.36 14.31
CA LEU A 224 -5.50 11.65 14.85
C LEU A 224 -6.98 11.87 14.64
N LYS A 225 -7.64 12.46 15.64
CA LYS A 225 -9.06 12.76 15.53
C LYS A 225 -9.32 13.62 14.29
N ASP A 226 -10.38 13.27 13.56
CA ASP A 226 -10.80 13.97 12.34
C ASP A 226 -9.79 13.93 11.19
N LYS A 227 -8.77 13.07 11.26
CA LYS A 227 -7.74 13.03 10.20
C LYS A 227 -7.59 11.60 9.69
N PRO A 228 -8.51 11.17 8.82
CA PRO A 228 -8.45 9.83 8.25
C PRO A 228 -7.18 9.53 7.48
N GLY A 229 -6.91 8.24 7.29
CA GLY A 229 -5.93 7.85 6.27
C GLY A 229 -6.52 8.15 4.90
N VAL A 230 -5.68 8.54 3.97
CA VAL A 230 -6.08 8.80 2.61
C VAL A 230 -5.40 7.80 1.69
N TYR A 231 -6.19 7.22 0.79
CA TYR A 231 -5.79 6.11 -0.07
C TYR A 231 -6.01 6.46 -1.54
N THR A 232 -5.14 6.01 -2.41
CA THR A 232 -5.41 6.12 -3.86
C THR A 232 -6.62 5.24 -4.17
N ARG A 233 -7.62 5.82 -4.86
CA ARG A 233 -8.87 5.11 -5.11
C ARG A 233 -8.66 4.25 -6.33
N VAL A 234 -8.39 2.97 -6.10
CA VAL A 234 -7.95 2.05 -7.17
C VAL A 234 -8.98 1.88 -8.30
N SER A 235 -10.27 1.91 -7.98
CA SER A 235 -11.33 1.76 -8.98
C SER A 235 -11.39 2.95 -9.98
N HIS A 236 -10.68 4.04 -9.68
CA HIS A 236 -10.59 5.18 -10.61
C HIS A 236 -9.33 5.20 -11.45
N PHE A 237 -8.43 4.22 -11.28
CA PHE A 237 -7.20 4.12 -12.07
C PHE A 237 -7.10 2.88 -12.96
N LEU A 238 -8.21 2.22 -13.25
CA LEU A 238 -8.13 0.97 -13.99
C LEU A 238 -7.60 1.12 -15.42
N PRO A 239 -7.98 2.20 -16.15
CA PRO A 239 -7.41 2.39 -17.48
C PRO A 239 -5.88 2.49 -17.47
N TRP A 240 -5.35 3.30 -16.56
CA TRP A 240 -3.89 3.41 -16.38
C TRP A 240 -3.22 2.09 -16.08
N ILE A 241 -3.82 1.30 -15.18
CA ILE A 241 -3.27 -0.01 -14.85
C ILE A 241 -3.33 -0.97 -16.05
N ARG A 242 -4.48 -1.03 -16.73
CA ARG A 242 -4.60 -1.87 -17.95
C ARG A 242 -3.58 -1.47 -19.02
N SER A 243 -3.53 -0.17 -19.36
CA SER A 243 -2.60 0.29 -20.38
C SER A 243 -1.13 -0.03 -20.04
N HIS A 244 -0.79 -0.06 -18.75
CA HIS A 244 0.61 -0.27 -18.36
C HIS A 244 1.00 -1.71 -18.01
N THR A 245 0.05 -2.63 -18.00
CA THR A 245 0.34 -4.03 -17.68
C THR A 245 0.01 -4.87 -18.91
C4 9X9 B . 1.61 7.91 5.62
C3 9X9 B . 0.76 8.47 6.58
C2 9X9 B . 2.53 9.84 7.33
O2 9X9 B . 4.11 13.84 10.81
C1 9X9 B . 3.34 9.29 6.34
O1 9X9 B . -1.06 7.15 6.21
C11 9X9 B . 3.15 14.89 10.89
C9 9X9 B . 3.71 12.87 9.95
N9 9X9 B . 2.43 12.76 9.56
C10 9X9 B . 2.02 11.75 8.68
N8 9X9 B . 4.62 12.00 9.51
C8 9X9 B . 4.26 10.97 8.64
C5 9X9 B . 2.94 10.84 8.21
N2 9X9 B . 1.26 9.40 7.42
N3 9X9 B . 4.61 9.74 6.26
N1 9X9 B . 2.90 8.32 5.51
N4 9X9 B . 1.14 6.96 4.80
C6 9X9 B . -0.57 8.09 6.80
N5 9X9 B . -1.28 8.68 7.79
C7 9X9 B . -2.51 8.35 8.18
N7 9X9 B . -3.12 9.05 9.14
N6 9X9 B . -3.16 7.30 7.61
S SO4 C . 6.41 7.07 3.85
O1 SO4 C . 7.62 6.36 4.30
O2 SO4 C . 6.47 8.48 4.29
O3 SO4 C . 5.21 6.42 4.44
O4 SO4 C . 6.36 6.96 2.37
#